data_5RCE
#
_entry.id   5RCE
#
_cell.length_a   45.277
_cell.length_b   72.544
_cell.length_c   52.348
_cell.angle_alpha   90.000
_cell.angle_beta   109.600
_cell.angle_gamma   90.000
#
_symmetry.space_group_name_H-M   'P 1 21 1'
#
loop_
_entity.id
_entity.type
_entity.pdbx_description
1 polymer Endothiapepsin
2 non-polymer 6-methyl-N~4~-[(pyridin-3-yl)methyl]pyrimidine-2,4-diamine
3 non-polymer 'DIMETHYL SULFOXIDE'
4 non-polymer GLYCEROL
5 non-polymer 'ACETATE ION'
6 non-polymer 'TETRAETHYLENE GLYCOL'
7 water water
#
_entity_poly.entity_id   1
_entity_poly.type   'polypeptide(L)'
_entity_poly.pdbx_seq_one_letter_code
;MSSPLKNALVTAMLAGGALSSPTKQHVGIPVNASPEVGPGKYSFKQVRNPNYKFNGPLSVKKTYLKYGVPIPAWLEDAVQ
NSTSGLAERSTGSATTTPIDSLDDAYITPVQIGTPAQTLNLDFDTGSSDLWVFSSETTASEVDGQTIYTPSKSTTAKLLS
GATWSISYGDGSSSSGDVYTDTVSVGGLTVTGQAVESAKKVSSSFTEDSTIDGLLGLAFSTLNTVSPTQQKTFFDNAKAS
LDSPVFTADLGYHAPGTYNFGFIDTTAYTGSITYTAVSTKQGFWEWTSTGYAVGSGTFKSTSIDGIADTGTTLLYLPATV
VSAYWAQVSGAKSSSSVGGYVFPCSATLPSFTFGVGSARIVIPGDYIDFGPISTGSSSCFGGIQSSAGIGINIFGDVALK
AAFVVFNGATTPTLGFASK
;
_entity_poly.pdbx_strand_id   A
#
loop_
_chem_comp.id
_chem_comp.type
_chem_comp.name
_chem_comp.formula
ACT non-polymer 'ACETATE ION' 'C2 H3 O2 -1'
DMS non-polymer 'DIMETHYL SULFOXIDE' 'C2 H6 O S'
GOL non-polymer GLYCEROL 'C3 H8 O3'
PG4 non-polymer 'TETRAETHYLENE GLYCOL' 'C8 H18 O5'
RE4 non-polymer 6-methyl-N~4~-[(pyridin-3-yl)methyl]pyrimidine-2,4-diamine 'C11 H13 N5'
#
# COMPACT_ATOMS: atom_id res chain seq x y z
N SER A 90 21.45 -14.77 6.57
CA SER A 90 20.18 -14.84 7.30
C SER A 90 19.02 -14.64 6.33
N THR A 91 17.85 -15.04 6.78
CA THR A 91 16.59 -14.81 6.03
C THR A 91 15.51 -14.51 7.04
N GLY A 92 14.39 -14.01 6.53
CA GLY A 92 13.18 -13.91 7.32
C GLY A 92 11.97 -14.16 6.45
N SER A 93 10.89 -14.61 7.04
CA SER A 93 9.67 -14.90 6.32
C SER A 93 8.49 -14.61 7.21
N ALA A 94 7.60 -13.71 6.80
CA ALA A 94 6.46 -13.31 7.65
C ALA A 94 5.21 -13.32 6.81
N THR A 95 4.12 -13.75 7.36
CA THR A 95 2.82 -13.70 6.71
C THR A 95 2.25 -12.30 6.80
N THR A 96 1.63 -11.84 5.73
CA THR A 96 0.93 -10.56 5.68
C THR A 96 -0.56 -10.83 5.43
N THR A 97 -1.42 -10.15 6.17
CA THR A 97 -2.84 -10.52 6.24
C THR A 97 -3.64 -9.29 5.88
N PRO A 98 -4.70 -9.39 5.05
N PRO A 98 -4.63 -9.37 4.95
N PRO A 98 -4.69 -9.41 5.03
N PRO A 98 -4.62 -9.39 4.95
CA PRO A 98 -5.47 -8.21 4.68
CA PRO A 98 -5.58 -8.27 4.77
CA PRO A 98 -5.47 -8.24 4.66
CA PRO A 98 -5.57 -8.30 4.74
C PRO A 98 -6.22 -7.70 5.93
C PRO A 98 -6.20 -7.71 6.06
C PRO A 98 -6.26 -7.83 5.91
C PRO A 98 -6.23 -7.83 6.03
N ILE A 99 -6.34 -6.39 6.09
N ILE A 99 -6.35 -6.39 6.12
N ILE A 99 -6.47 -6.54 6.08
N ILE A 99 -6.48 -6.53 6.12
CA ILE A 99 -6.96 -5.76 7.29
CA ILE A 99 -6.96 -5.72 7.30
CA ILE A 99 -7.13 -6.04 7.32
CA ILE A 99 -7.13 -5.98 7.34
C ILE A 99 -8.48 -5.87 7.23
C ILE A 99 -8.49 -5.83 7.22
C ILE A 99 -8.63 -6.27 7.24
C ILE A 99 -8.64 -6.22 7.25
N ASP A 100 -9.05 -6.13 6.05
N ASP A 100 -9.05 -6.12 6.06
N ASP A 100 -9.18 -6.50 6.05
N ASP A 100 -9.18 -6.47 6.07
CA ASP A 100 -10.52 -6.18 5.91
CA ASP A 100 -10.52 -6.18 5.91
CA ASP A 100 -10.64 -6.61 5.87
CA ASP A 100 -10.64 -6.62 5.87
C ASP A 100 -10.85 -7.00 4.66
C ASP A 100 -10.85 -7.00 4.66
C ASP A 100 -10.89 -7.48 4.65
C ASP A 100 -10.87 -7.48 4.63
N SER A 101 -12.15 -7.13 4.37
N SER A 101 -12.15 -7.13 4.37
N SER A 101 -12.17 -7.74 4.34
N SER A 101 -12.15 -7.74 4.32
CA SER A 101 -12.68 -8.06 3.35
CA SER A 101 -12.68 -8.06 3.35
CA SER A 101 -12.57 -8.70 3.29
CA SER A 101 -12.57 -8.69 3.26
C SER A 101 -12.39 -7.56 1.93
C SER A 101 -12.39 -7.56 1.93
C SER A 101 -12.27 -8.18 1.88
C SER A 101 -12.26 -8.15 1.86
N LEU A 102 -11.88 -6.34 1.81
N LEU A 102 -11.88 -6.34 1.81
N LEU A 102 -11.90 -6.91 1.73
N LEU A 102 -11.91 -6.87 1.74
CA LEU A 102 -11.60 -5.68 0.51
CA LEU A 102 -11.60 -5.68 0.51
CA LEU A 102 -11.65 -6.31 0.39
CA LEU A 102 -11.69 -6.18 0.43
C LEU A 102 -10.10 -5.69 0.20
C LEU A 102 -10.10 -5.69 0.20
C LEU A 102 -10.19 -5.88 0.23
C LEU A 102 -10.20 -5.86 0.22
N ASP A 103 -9.23 -6.09 1.12
N ASP A 103 -9.23 -6.09 1.12
N ASP A 103 -9.29 -6.45 1.06
N ASP A 103 -9.32 -6.44 1.05
CA ASP A 103 -7.76 -5.95 0.93
CA ASP A 103 -7.76 -5.95 0.93
CA ASP A 103 -7.83 -6.21 0.93
CA ASP A 103 -7.86 -6.23 0.96
C ASP A 103 -7.38 -4.46 0.90
C ASP A 103 -7.38 -4.46 0.90
C ASP A 103 -7.57 -4.71 0.87
C ASP A 103 -7.55 -4.74 0.89
N ASP A 104 -7.97 -3.65 1.76
N ASP A 104 -7.97 -3.65 1.76
N ASP A 104 -8.19 -3.92 1.76
N ASP A 104 -8.18 -3.93 1.74
CA ASP A 104 -7.61 -2.22 1.74
CA ASP A 104 -7.61 -2.22 1.74
CA ASP A 104 -7.95 -2.46 1.78
CA ASP A 104 -7.98 -2.45 1.76
C ASP A 104 -6.10 -2.09 2.06
C ASP A 104 -6.10 -2.09 2.06
C ASP A 104 -6.54 -2.12 2.22
C ASP A 104 -6.56 -2.11 2.21
N ALA A 105 -5.57 -2.98 2.87
N ALA A 105 -5.57 -2.98 2.87
N ALA A 105 -5.91 -3.00 3.00
N ALA A 105 -5.92 -2.98 2.98
CA ALA A 105 -4.12 -2.96 3.20
CA ALA A 105 -4.12 -2.96 3.20
CA ALA A 105 -4.49 -2.89 3.36
CA ALA A 105 -4.50 -2.88 3.36
C ALA A 105 -3.81 -4.29 3.84
C ALA A 105 -3.81 -4.29 3.84
C ALA A 105 -4.08 -4.25 3.91
C ALA A 105 -4.07 -4.23 3.91
N TYR A 106 -2.54 -4.54 4.05
N TYR A 106 -2.54 -4.54 4.05
N TYR A 106 -2.78 -4.39 4.15
N TYR A 106 -2.78 -4.38 4.14
CA TYR A 106 -2.06 -5.79 4.65
CA TYR A 106 -2.06 -5.79 4.65
CA TYR A 106 -2.19 -5.64 4.66
CA TYR A 106 -2.18 -5.63 4.65
C TYR A 106 -1.19 -5.45 5.84
C TYR A 106 -1.19 -5.45 5.84
C TYR A 106 -1.35 -5.33 5.90
C TYR A 106 -1.35 -5.33 5.90
N ILE A 107 -1.37 -6.23 6.88
CA ILE A 107 -0.56 -6.08 8.09
C ILE A 107 0.30 -7.28 8.31
N THR A 108 1.48 -7.03 8.85
CA THR A 108 2.50 -8.03 9.05
C THR A 108 3.00 -7.88 10.47
N PRO A 109 3.10 -8.93 11.27
CA PRO A 109 3.56 -8.77 12.63
C PRO A 109 5.06 -8.53 12.67
N VAL A 110 5.46 -7.61 13.53
CA VAL A 110 6.87 -7.21 13.68
C VAL A 110 7.15 -7.20 15.17
N GLN A 111 8.27 -7.80 15.57
CA GLN A 111 8.69 -7.80 16.98
C GLN A 111 9.63 -6.63 17.20
N ILE A 112 9.33 -5.82 18.20
CA ILE A 112 10.18 -4.64 18.52
C ILE A 112 10.56 -4.77 19.98
N GLY A 113 11.83 -4.60 20.29
CA GLY A 113 12.24 -4.47 21.70
C GLY A 113 12.51 -5.77 22.36
N THR A 114 12.87 -5.66 23.64
CA THR A 114 13.23 -6.81 24.50
C THR A 114 12.62 -6.60 25.86
N PRO A 115 11.69 -7.44 26.33
CA PRO A 115 11.11 -8.55 25.57
C PRO A 115 10.31 -8.01 24.39
N ALA A 116 10.06 -8.88 23.43
CA ALA A 116 9.38 -8.48 22.19
C ALA A 116 8.04 -7.85 22.49
N GLN A 117 7.76 -6.76 21.79
CA GLN A 117 6.44 -6.18 21.65
C GLN A 117 6.05 -6.38 20.19
N THR A 118 4.98 -7.10 19.94
CA THR A 118 4.55 -7.40 18.58
C THR A 118 3.51 -6.40 18.13
N LEU A 119 3.86 -5.68 17.09
CA LEU A 119 2.95 -4.72 16.46
C LEU A 119 2.67 -5.13 15.02
N ASN A 120 1.49 -4.87 14.55
CA ASN A 120 1.09 -5.19 13.19
C ASN A 120 1.27 -4.00 12.27
N LEU A 121 2.29 -4.10 11.43
CA LEU A 121 2.69 -2.94 10.63
C LEU A 121 2.30 -3.13 9.17
N ASP A 122 2.09 -2.01 8.51
N ASP A 122 2.09 -2.01 8.51
N ASP A 122 2.04 -2.01 8.53
N ASP A 122 2.04 -2.00 8.52
CA ASP A 122 1.81 -1.94 7.07
CA ASP A 122 1.81 -1.94 7.07
CA ASP A 122 1.78 -1.96 7.08
CA ASP A 122 1.77 -1.95 7.08
C ASP A 122 3.14 -1.80 6.34
C ASP A 122 3.14 -1.80 6.34
C ASP A 122 3.09 -1.81 6.34
C ASP A 122 3.08 -1.80 6.33
N PHE A 123 3.55 -2.86 5.68
CA PHE A 123 4.84 -2.85 4.95
C PHE A 123 4.62 -2.04 3.68
N ASP A 124 5.41 -0.99 3.51
N ASP A 124 5.41 -0.99 3.51
N ASP A 124 5.48 -1.07 3.48
N ASP A 124 5.48 -1.06 3.49
CA ASP A 124 5.12 0.03 2.47
CA ASP A 124 5.12 0.03 2.47
CA ASP A 124 5.22 0.01 2.50
CA ASP A 124 5.22 0.02 2.51
C ASP A 124 6.36 0.27 1.62
C ASP A 124 6.36 0.27 1.62
C ASP A 124 6.45 0.19 1.65
C ASP A 124 6.45 0.20 1.64
N THR A 125 6.43 -0.33 0.42
CA THR A 125 7.55 -0.16 -0.49
C THR A 125 7.52 1.23 -1.12
N GLY A 126 6.57 2.07 -0.79
CA GLY A 126 6.55 3.46 -1.23
C GLY A 126 6.95 4.46 -0.20
N SER A 127 7.50 4.06 0.94
CA SER A 127 8.03 5.01 1.92
C SER A 127 9.16 4.35 2.69
N SER A 128 9.84 5.12 3.50
CA SER A 128 11.13 4.68 4.06
C SER A 128 11.25 4.95 5.54
N ASP A 129 10.15 5.07 6.24
CA ASP A 129 10.16 5.28 7.68
C ASP A 129 9.52 4.07 8.32
N LEU A 130 10.09 3.59 9.39
CA LEU A 130 9.46 2.56 10.26
C LEU A 130 8.93 3.35 11.46
N TRP A 131 7.65 3.56 11.51
CA TRP A 131 7.05 4.34 12.61
C TRP A 131 5.91 3.58 13.21
N VAL A 132 5.70 3.80 14.50
CA VAL A 132 4.71 3.04 15.28
C VAL A 132 3.92 3.93 16.18
N PHE A 133 2.68 3.56 16.39
CA PHE A 133 1.93 4.03 17.54
C PHE A 133 2.72 3.65 18.78
N SER A 134 2.67 4.53 19.77
CA SER A 134 3.55 4.36 20.93
C SER A 134 2.90 4.93 22.17
N SER A 135 3.59 4.71 23.27
CA SER A 135 3.24 5.32 24.57
C SER A 135 3.36 6.82 24.50
N GLU A 136 3.93 7.39 23.46
CA GLU A 136 4.07 8.85 23.31
C GLU A 136 2.97 9.39 22.43
N THR A 137 2.16 8.55 21.80
CA THR A 137 1.15 9.06 20.87
C THR A 137 0.04 9.75 21.68
N THR A 138 -0.31 10.95 21.28
CA THR A 138 -1.45 11.70 21.85
C THR A 138 -2.59 10.72 22.11
N ALA A 139 -3.09 10.64 23.33
CA ALA A 139 -4.01 9.56 23.71
C ALA A 139 -5.29 9.63 22.86
N SER A 140 -5.80 10.82 22.55
CA SER A 140 -7.05 10.96 21.75
C SER A 140 -6.86 10.49 20.31
N GLU A 141 -5.62 10.29 19.88
CA GLU A 141 -5.31 9.84 18.51
C GLU A 141 -5.06 8.34 18.47
N VAL A 142 -5.22 7.65 19.55
CA VAL A 142 -5.07 6.18 19.60
C VAL A 142 -6.47 5.62 19.76
N ASP A 143 -6.88 4.72 18.89
CA ASP A 143 -8.20 4.07 18.95
C ASP A 143 -8.07 2.59 18.61
N GLY A 144 -7.52 1.84 19.54
CA GLY A 144 -7.46 0.37 19.44
C GLY A 144 -6.14 -0.16 18.95
N GLN A 145 -5.20 0.68 18.53
CA GLN A 145 -3.89 0.17 18.05
C GLN A 145 -3.08 -0.36 19.21
N THR A 146 -2.26 -1.35 18.93
CA THR A 146 -1.24 -1.77 19.88
C THR A 146 -0.11 -0.75 19.83
N ILE A 147 0.41 -0.39 20.97
CA ILE A 147 1.46 0.63 21.04
C ILE A 147 2.78 0.02 21.44
N TYR A 148 3.83 0.62 20.93
CA TYR A 148 5.21 0.38 21.38
C TYR A 148 5.46 1.26 22.59
N THR A 149 6.02 0.66 23.63
CA THR A 149 6.41 1.35 24.86
C THR A 149 7.91 1.20 25.04
N PRO A 150 8.71 2.18 24.60
CA PRO A 150 10.15 2.02 24.70
C PRO A 150 10.66 1.81 26.12
N SER A 151 9.98 2.38 27.09
CA SER A 151 10.43 2.29 28.51
C SER A 151 10.36 0.86 28.97
N LYS A 152 9.61 -0.02 28.31
CA LYS A 152 9.48 -1.43 28.69
C LYS A 152 10.48 -2.28 27.92
N SER A 153 11.29 -1.69 27.06
CA SER A 153 12.26 -2.45 26.27
C SER A 153 13.67 -2.22 26.79
N THR A 154 14.35 -3.27 27.17
CA THR A 154 15.70 -3.15 27.75
C THR A 154 16.69 -2.75 26.67
N THR A 155 16.34 -2.85 25.39
CA THR A 155 17.25 -2.55 24.29
C THR A 155 16.91 -1.21 23.64
N ALA A 156 15.88 -0.55 24.08
CA ALA A 156 15.50 0.73 23.47
C ALA A 156 16.47 1.83 23.95
N LYS A 157 16.89 2.68 23.02
N LYS A 157 16.78 2.75 23.06
N LYS A 157 16.93 2.65 23.00
N LYS A 157 16.78 2.74 23.05
CA LYS A 157 17.75 3.87 23.31
CA LYS A 157 17.56 3.93 23.43
CA LYS A 157 17.84 3.80 23.26
CA LYS A 157 17.60 3.91 23.42
C LYS A 157 17.17 5.06 22.56
C LYS A 157 16.96 5.10 22.68
C LYS A 157 17.30 5.01 22.51
C LYS A 157 17.04 5.09 22.65
N LEU A 158 16.79 6.14 23.27
N LEU A 158 16.73 6.22 23.34
N LEU A 158 17.07 6.13 23.20
N LEU A 158 16.98 6.25 23.28
CA LEU A 158 16.35 7.37 22.61
CA LEU A 158 16.32 7.44 22.62
CA LEU A 158 16.62 7.38 22.55
CA LEU A 158 16.59 7.47 22.56
C LEU A 158 17.46 7.77 21.63
C LEU A 158 17.44 7.78 21.64
C LEU A 158 17.65 7.71 21.46
C LEU A 158 17.64 7.73 21.47
N LEU A 159 17.14 8.01 20.37
N LEU A 159 17.10 8.05 20.39
N LEU A 159 17.18 8.15 20.31
N LEU A 159 17.19 8.16 20.30
CA LEU A 159 18.07 8.64 19.42
CA LEU A 159 18.05 8.66 19.42
CA LEU A 159 18.06 8.73 19.26
CA LEU A 159 18.06 8.73 19.26
C LEU A 159 17.96 10.14 19.69
C LEU A 159 17.97 10.16 19.69
C LEU A 159 18.01 10.24 19.44
C LEU A 159 18.01 10.24 19.44
N SER A 160 18.85 10.65 20.51
N SER A 160 18.95 10.65 20.46
N SER A 160 18.93 10.72 20.26
N SER A 160 18.94 10.71 20.25
CA SER A 160 18.60 11.98 21.10
CA SER A 160 18.90 11.96 21.13
CA SER A 160 18.94 12.08 20.82
CA SER A 160 18.94 12.08 20.82
C SER A 160 18.59 13.08 20.02
C SER A 160 18.79 13.08 20.10
C SER A 160 18.81 13.15 19.73
C SER A 160 18.82 13.14 19.72
N GLY A 161 17.59 13.94 20.07
N GLY A 161 17.67 13.79 20.16
N GLY A 161 17.77 13.97 19.78
N GLY A 161 17.77 13.97 19.78
CA GLY A 161 17.46 15.10 19.17
CA GLY A 161 17.39 14.99 19.34
CA GLY A 161 17.62 15.12 18.87
CA GLY A 161 17.62 15.12 18.87
C GLY A 161 16.70 14.78 17.92
C GLY A 161 16.70 14.71 18.02
C GLY A 161 16.98 14.75 17.56
C GLY A 161 16.98 14.75 17.56
N ALA A 162 16.48 13.50 17.62
N ALA A 162 16.46 13.44 17.68
N ALA A 162 16.73 13.47 17.32
N ALA A 162 16.73 13.47 17.32
CA ALA A 162 15.99 13.09 16.29
CA ALA A 162 15.99 13.10 16.32
CA ALA A 162 16.14 13.04 16.04
CA ALA A 162 16.14 13.04 16.04
C ALA A 162 14.49 13.29 16.25
C ALA A 162 14.49 13.29 16.25
C ALA A 162 14.61 13.16 16.12
C ALA A 162 14.61 13.16 16.12
N THR A 163 14.04 13.80 15.11
CA THR A 163 12.58 13.90 14.91
C THR A 163 12.27 13.47 13.50
N TRP A 164 10.98 13.22 13.31
CA TRP A 164 10.51 12.78 11.98
C TRP A 164 9.11 13.34 11.77
N SER A 165 8.80 13.46 10.50
CA SER A 165 7.49 13.98 10.09
C SER A 165 7.30 13.56 8.67
N ILE A 166 6.16 12.93 8.41
N ILE A 166 6.16 12.93 8.41
N ILE A 166 6.16 12.94 8.41
N ILE A 166 6.16 12.93 8.40
CA ILE A 166 5.87 12.38 7.06
CA ILE A 166 5.87 12.38 7.06
CA ILE A 166 5.86 12.43 7.05
CA ILE A 166 5.86 12.40 7.05
C ILE A 166 4.44 12.73 6.65
C ILE A 166 4.45 12.73 6.66
C ILE A 166 4.42 12.80 6.68
C ILE A 166 4.42 12.73 6.69
N SER A 167 4.30 12.87 5.34
N SER A 167 4.30 12.87 5.34
N SER A 167 4.30 13.35 5.48
N SER A 167 4.26 13.34 5.52
CA SER A 167 3.04 13.16 4.61
CA SER A 167 3.04 13.16 4.61
CA SER A 167 3.01 13.57 4.75
CA SER A 167 2.96 13.54 4.84
C SER A 167 2.90 12.09 3.53
C SER A 167 2.90 12.09 3.53
C SER A 167 2.98 12.66 3.54
C SER A 167 2.94 12.68 3.56
N TYR A 168 1.77 11.39 3.46
N TYR A 168 1.77 11.39 3.46
N TYR A 168 2.09 11.67 3.51
N TYR A 168 2.04 11.71 3.50
CA TYR A 168 1.56 10.28 2.49
CA TYR A 168 1.56 10.29 2.50
CA TYR A 168 1.93 10.74 2.37
CA TYR A 168 1.96 10.74 2.37
C TYR A 168 0.78 10.82 1.30
C TYR A 168 0.77 10.82 1.30
C TYR A 168 1.07 11.44 1.31
C TYR A 168 1.15 11.38 1.23
N GLY A 169 0.80 10.06 0.19
N GLY A 169 0.79 10.07 0.20
N GLY A 169 1.08 10.93 0.10
N GLY A 169 1.16 10.75 0.07
CA GLY A 169 0.15 10.41 -1.08
CA GLY A 169 0.14 10.42 -1.09
CA GLY A 169 0.35 11.55 -1.04
CA GLY A 169 0.51 11.26 -1.14
C GLY A 169 -1.32 10.78 -0.92
C GLY A 169 -1.32 10.78 -0.92
C GLY A 169 -1.10 11.90 -0.71
C GLY A 169 -0.97 11.56 -0.96
N ASP A 170 -1.97 10.25 0.13
N ASP A 170 -1.97 10.25 0.13
N ASP A 170 -1.77 11.12 0.14
N ASP A 170 -1.64 10.90 0.00
CA ASP A 170 -3.44 10.31 0.30
CA ASP A 170 -3.45 10.32 0.30
CA ASP A 170 -3.25 11.18 0.32
CA ASP A 170 -3.12 11.00 0.20
C ASP A 170 -3.85 11.45 1.26
C ASP A 170 -3.85 11.45 1.26
C ASP A 170 -3.61 12.24 1.37
C ASP A 170 -3.44 12.11 1.20
N GLY A 171 -2.89 12.24 1.76
N GLY A 171 -2.89 12.24 1.76
N GLY A 171 -2.62 12.93 1.94
N GLY A 171 -2.42 12.73 1.81
CA GLY A 171 -3.18 13.36 2.68
CA GLY A 171 -3.18 13.36 2.68
CA GLY A 171 -2.86 13.92 3.02
CA GLY A 171 -2.61 13.77 2.84
C GLY A 171 -2.80 13.06 4.12
C GLY A 171 -2.80 13.06 4.12
C GLY A 171 -2.92 13.28 4.41
C GLY A 171 -2.76 13.18 4.24
N SER A 172 -2.72 11.79 4.52
N SER A 172 -2.72 11.79 4.52
N SER A 172 -2.56 12.00 4.51
N SER A 172 -2.43 11.90 4.42
CA SER A 172 -2.44 11.37 5.91
CA SER A 172 -2.44 11.38 5.91
CA SER A 172 -2.31 11.29 5.80
CA SER A 172 -2.27 11.26 5.74
C SER A 172 -1.04 11.83 6.31
C SER A 172 -1.03 11.84 6.31
C SER A 172 -0.92 11.66 6.30
C SER A 172 -0.90 11.62 6.29
N SER A 173 -0.76 11.80 7.61
N SER A 173 -0.76 11.80 7.61
N SER A 173 -0.78 11.83 7.61
N SER A 173 -0.77 11.85 7.59
CA SER A 173 0.56 12.25 8.13
CA SER A 173 0.56 12.25 8.13
CA SER A 173 0.48 12.36 8.21
CA SER A 173 0.48 12.37 8.20
C SER A 173 0.74 11.80 9.57
C SER A 173 0.74 11.80 9.57
C SER A 173 0.74 11.74 9.57
C SER A 173 0.74 11.75 9.56
N SER A 174 2.00 11.84 10.01
CA SER A 174 2.38 11.45 11.35
C SER A 174 3.76 12.07 11.60
N SER A 175 4.04 12.16 12.88
CA SER A 175 5.33 12.73 13.29
C SER A 175 5.67 12.36 14.72
N GLY A 176 6.95 12.52 15.08
CA GLY A 176 7.35 12.22 16.44
C GLY A 176 8.83 12.22 16.62
N ASP A 177 9.27 11.40 17.56
CA ASP A 177 10.71 11.27 17.90
C ASP A 177 11.19 9.87 17.59
N VAL A 178 12.38 9.51 17.99
CA VAL A 178 12.99 8.30 17.44
C VAL A 178 13.71 7.58 18.56
N TYR A 179 13.62 6.26 18.53
CA TYR A 179 14.40 5.35 19.39
C TYR A 179 15.15 4.42 18.50
N THR A 180 16.21 3.84 18.97
CA THR A 180 16.76 2.68 18.30
C THR A 180 16.38 1.48 19.13
N ASP A 181 16.14 0.35 18.49
CA ASP A 181 15.77 -0.87 19.20
C ASP A 181 16.03 -2.03 18.27
N THR A 182 15.87 -3.22 18.81
CA THR A 182 15.98 -4.47 18.05
C THR A 182 14.63 -4.74 17.38
N VAL A 183 14.65 -4.98 16.10
CA VAL A 183 13.43 -5.24 15.32
C VAL A 183 13.64 -6.56 14.62
N SER A 184 12.59 -7.39 14.69
CA SER A 184 12.64 -8.71 14.00
C SER A 184 11.38 -8.87 13.15
N VAL A 185 11.62 -9.35 11.96
CA VAL A 185 10.50 -9.64 11.02
C VAL A 185 10.68 -11.06 10.60
N GLY A 186 9.73 -11.93 10.94
CA GLY A 186 9.76 -13.28 10.38
C GLY A 186 11.02 -14.02 10.73
N GLY A 187 11.59 -13.79 11.90
CA GLY A 187 12.85 -14.43 12.33
C GLY A 187 14.11 -13.68 11.94
N LEU A 188 14.06 -12.64 11.15
CA LEU A 188 15.24 -11.84 10.76
C LEU A 188 15.35 -10.67 11.68
N THR A 189 16.48 -10.53 12.36
CA THR A 189 16.64 -9.51 13.42
C THR A 189 17.63 -8.46 12.96
N VAL A 190 17.27 -7.21 13.21
CA VAL A 190 18.16 -6.05 13.04
C VAL A 190 18.31 -5.42 14.40
N THR A 191 19.55 -5.20 14.82
CA THR A 191 19.81 -4.41 16.02
C THR A 191 20.06 -2.95 15.61
N GLY A 192 19.69 -2.05 16.47
CA GLY A 192 19.93 -0.62 16.24
C GLY A 192 19.03 -0.07 15.15
N GLN A 193 17.89 -0.65 14.89
CA GLN A 193 16.94 -0.09 13.92
C GLN A 193 16.30 1.16 14.47
N ALA A 194 16.22 2.20 13.66
CA ALA A 194 15.45 3.37 14.04
C ALA A 194 13.97 2.99 14.05
N VAL A 195 13.38 3.18 15.18
CA VAL A 195 11.94 2.98 15.40
C VAL A 195 11.39 4.38 15.70
N GLU A 196 10.61 4.88 14.78
CA GLU A 196 10.12 6.26 14.88
C GLU A 196 8.82 6.22 15.65
N SER A 197 8.78 6.82 16.82
CA SER A 197 7.66 6.79 17.76
C SER A 197 6.74 7.95 17.41
N ALA A 198 5.47 7.70 17.12
CA ALA A 198 4.55 8.79 16.76
C ALA A 198 4.13 9.53 18.02
N LYS A 199 4.24 10.85 17.96
CA LYS A 199 3.56 11.70 18.95
C LYS A 199 2.22 12.12 18.39
N LYS A 200 2.10 12.30 17.10
CA LYS A 200 0.90 12.79 16.42
C LYS A 200 0.64 11.92 15.22
N VAL A 201 -0.61 11.59 14.97
CA VAL A 201 -1.02 10.92 13.73
C VAL A 201 -2.30 11.58 13.25
N SER A 202 -2.48 11.63 11.93
N SER A 202 -2.47 11.63 11.94
N SER A 202 -2.54 11.58 11.95
N SER A 202 -2.53 11.58 11.95
CA SER A 202 -3.71 12.20 11.31
CA SER A 202 -3.68 12.21 11.29
CA SER A 202 -3.83 12.08 11.42
CA SER A 202 -3.81 12.07 11.36
C SER A 202 -4.87 11.22 11.45
C SER A 202 -4.85 11.25 11.43
C SER A 202 -4.97 11.12 11.77
C SER A 202 -4.96 11.12 11.73
N SER A 203 -6.07 11.71 11.18
N SER A 203 -6.03 11.76 11.12
N SER A 203 -6.20 11.63 11.73
N SER A 203 -6.18 11.63 11.68
CA SER A 203 -7.32 10.96 11.42
CA SER A 203 -7.31 11.13 11.51
CA SER A 203 -7.42 10.83 11.96
CA SER A 203 -7.41 10.83 11.96
C SER A 203 -7.28 9.64 10.63
C SER A 203 -7.39 9.71 10.95
C SER A 203 -7.43 9.56 11.09
C SER A 203 -7.45 9.55 11.12
N SER A 204 -6.99 9.54 9.75
N SER A 204 -6.95 9.50 9.71
N SER A 204 -6.98 9.59 9.83
N SER A 204 -7.00 9.59 9.84
CA SER A 204 -7.06 8.24 9.02
CA SER A 204 -7.13 8.20 9.01
CA SER A 204 -7.00 8.40 8.95
CA SER A 204 -6.99 8.39 8.96
C SER A 204 -6.31 7.15 9.80
C SER A 204 -6.28 7.11 9.65
C SER A 204 -6.22 7.27 9.65
C SER A 204 -6.23 7.27 9.68
N PHE A 205 -5.18 7.53 10.42
N PHE A 205 -5.27 7.45 10.47
N PHE A 205 -5.02 7.58 10.11
N PHE A 205 -5.02 7.56 10.11
CA PHE A 205 -4.47 6.43 11.12
CA PHE A 205 -4.45 6.44 11.17
CA PHE A 205 -4.24 6.61 10.90
CA PHE A 205 -4.22 6.59 10.90
C PHE A 205 -5.19 6.02 12.40
C PHE A 205 -5.16 6.02 12.46
C PHE A 205 -5.03 6.20 12.14
C PHE A 205 -5.02 6.18 12.15
N THR A 206 -5.66 7.01 13.15
N THR A 206 -5.66 7.00 13.20
N THR A 206 -5.58 7.14 12.91
N THR A 206 -5.56 7.13 12.91
CA THR A 206 -6.46 6.78 14.36
CA THR A 206 -6.48 6.77 14.39
CA THR A 206 -6.26 6.81 14.19
CA THR A 206 -6.25 6.81 14.20
C THR A 206 -7.60 5.83 13.99
C THR A 206 -7.60 5.82 14.00
C THR A 206 -7.41 5.83 13.96
C THR A 206 -7.41 5.84 13.96
N GLU A 207 -8.18 6.05 12.82
N GLU A 207 -8.18 6.04 12.82
N GLU A 207 -8.22 6.07 12.94
N GLU A 207 -8.20 6.07 12.94
CA GLU A 207 -9.43 5.37 12.36
CA GLU A 207 -9.43 5.37 12.37
CA GLU A 207 -9.42 5.25 12.66
CA GLU A 207 -9.42 5.27 12.66
C GLU A 207 -9.13 3.96 11.87
C GLU A 207 -9.13 3.96 11.87
C GLU A 207 -9.03 3.86 12.20
C GLU A 207 -9.04 3.87 12.20
N ASP A 208 -7.86 3.61 11.63
N ASP A 208 -7.86 3.61 11.63
N ASP A 208 -7.79 3.69 11.71
N ASP A 208 -7.81 3.69 11.69
CA ASP A 208 -7.53 2.21 11.28
CA ASP A 208 -7.53 2.21 11.28
CA ASP A 208 -7.36 2.38 11.14
CA ASP A 208 -7.37 2.39 11.14
C ASP A 208 -6.97 1.50 12.53
C ASP A 208 -6.97 1.50 12.53
C ASP A 208 -6.85 1.52 12.29
C ASP A 208 -6.85 1.54 12.30
N SER A 209 -7.86 0.94 13.35
N SER A 209 -7.86 0.94 13.35
N SER A 209 -7.79 1.02 13.08
N SER A 209 -7.79 1.01 13.09
CA SER A 209 -7.50 0.21 14.58
CA SER A 209 -7.50 0.21 14.58
CA SER A 209 -7.51 0.36 14.37
CA SER A 209 -7.50 0.36 14.38
C SER A 209 -6.54 -0.94 14.26
C SER A 209 -6.54 -0.94 14.26
C SER A 209 -6.59 -0.87 14.21
C SER A 209 -6.59 -0.87 14.22
N THR A 210 -6.55 -1.47 13.04
CA THR A 210 -5.78 -2.69 12.74
C THR A 210 -4.34 -2.41 12.39
N ILE A 211 -3.99 -1.15 12.12
N ILE A 211 -3.99 -1.15 12.12
N ILE A 211 -3.97 -1.15 12.17
N ILE A 211 -3.97 -1.15 12.17
CA ILE A 211 -2.62 -0.79 11.65
CA ILE A 211 -2.62 -0.79 11.65
CA ILE A 211 -2.62 -0.82 11.68
CA ILE A 211 -2.61 -0.82 11.67
C ILE A 211 -1.89 -0.06 12.78
C ILE A 211 -1.89 -0.06 12.78
C ILE A 211 -1.86 -0.04 12.75
C ILE A 211 -1.86 -0.03 12.74
N ASP A 212 -0.83 -0.67 13.30
CA ASP A 212 -0.08 -0.15 14.44
C ASP A 212 1.09 0.73 14.00
N GLY A 213 1.27 0.86 12.72
CA GLY A 213 2.38 1.64 12.19
C GLY A 213 2.74 1.17 10.82
N LEU A 214 3.81 1.73 10.26
N LEU A 214 3.81 1.73 10.26
N LEU A 214 3.85 1.69 10.32
N LEU A 214 3.85 1.71 10.31
CA LEU A 214 4.27 1.42 8.90
CA LEU A 214 4.27 1.42 8.90
CA LEU A 214 4.34 1.48 8.95
CA LEU A 214 4.34 1.49 8.94
C LEU A 214 5.72 1.01 8.94
C LEU A 214 5.72 1.01 8.94
C LEU A 214 5.75 0.91 9.03
C LEU A 214 5.75 0.91 9.03
N LEU A 215 6.10 0.08 8.07
CA LEU A 215 7.49 -0.32 7.90
C LEU A 215 7.85 -0.02 6.48
N GLY A 216 8.64 1.03 6.29
CA GLY A 216 8.98 1.46 4.93
C GLY A 216 10.08 0.61 4.32
N LEU A 217 9.93 0.37 3.03
CA LEU A 217 10.81 -0.49 2.23
C LEU A 217 11.20 0.16 0.93
N ALA A 218 10.97 1.45 0.80
CA ALA A 218 11.59 2.20 -0.33
C ALA A 218 13.01 2.53 0.05
N PHE A 219 13.69 3.35 -0.74
CA PHE A 219 15.12 3.58 -0.53
C PHE A 219 15.28 4.53 0.63
N SER A 220 16.39 4.36 1.35
CA SER A 220 16.60 5.11 2.61
C SER A 220 16.78 6.61 2.39
N THR A 221 17.02 7.03 1.15
CA THR A 221 17.09 8.45 0.77
C THR A 221 15.79 9.16 1.02
N LEU A 222 14.63 8.44 1.14
CA LEU A 222 13.35 9.07 1.49
C LEU A 222 13.06 9.11 2.98
N ASN A 223 13.90 8.54 3.83
CA ASN A 223 13.62 8.54 5.26
C ASN A 223 13.56 9.96 5.77
N THR A 224 12.64 10.25 6.64
CA THR A 224 12.36 11.64 7.04
C THR A 224 13.06 11.97 8.36
N VAL A 225 13.83 11.13 8.98
CA VAL A 225 14.44 11.49 10.27
C VAL A 225 15.47 12.61 10.07
N SER A 226 15.37 13.60 10.94
CA SER A 226 16.28 14.76 10.96
C SER A 226 16.83 14.87 12.36
N PRO A 227 18.08 15.32 12.53
CA PRO A 227 18.98 15.75 11.46
C PRO A 227 19.83 14.67 10.84
N THR A 228 19.71 13.44 11.31
CA THR A 228 20.47 12.30 10.83
C THR A 228 19.49 11.33 10.20
N GLN A 229 19.53 11.26 8.87
CA GLN A 229 18.61 10.36 8.15
C GLN A 229 18.95 8.92 8.56
N GLN A 230 17.89 8.10 8.66
CA GLN A 230 18.03 6.71 9.11
C GLN A 230 17.78 5.73 7.97
N LYS A 231 18.31 4.54 8.14
CA LYS A 231 18.14 3.43 7.19
C LYS A 231 16.87 2.62 7.45
N THR A 232 16.30 2.14 6.36
CA THR A 232 15.19 1.16 6.47
C THR A 232 15.65 -0.15 7.09
N PHE A 233 14.67 -0.90 7.52
CA PHE A 233 14.91 -2.27 8.02
C PHE A 233 15.63 -3.08 6.98
N PHE A 234 15.24 -2.98 5.72
CA PHE A 234 15.87 -3.78 4.66
C PHE A 234 17.30 -3.30 4.45
N ASP A 235 17.54 -2.01 4.42
CA ASP A 235 18.92 -1.53 4.24
C ASP A 235 19.76 -1.98 5.42
N ASN A 236 19.29 -1.95 6.65
CA ASN A 236 20.09 -2.44 7.78
C ASN A 236 20.29 -3.93 7.69
N ALA A 237 19.33 -4.69 7.26
CA ALA A 237 19.45 -6.15 7.19
C ALA A 237 20.33 -6.64 6.06
N LYS A 238 20.48 -5.83 5.01
N LYS A 238 20.50 -5.83 5.03
N LYS A 238 20.48 -5.83 5.01
N LYS A 238 20.49 -5.84 5.03
CA LYS A 238 20.95 -6.21 3.65
CA LYS A 238 20.95 -6.28 3.68
CA LYS A 238 20.95 -6.22 3.65
CA LYS A 238 20.95 -6.31 3.70
C LYS A 238 22.23 -7.06 3.72
C LYS A 238 22.25 -7.08 3.73
C LYS A 238 22.23 -7.06 3.72
C LYS A 238 22.25 -7.10 3.75
N ALA A 239 23.24 -6.58 4.48
CA ALA A 239 24.59 -7.16 4.50
C ALA A 239 24.51 -8.57 5.09
N SER A 240 23.57 -8.81 6.01
CA SER A 240 23.40 -10.10 6.72
C SER A 240 22.61 -11.08 5.89
N LEU A 241 21.89 -10.62 4.88
CA LEU A 241 20.95 -11.52 4.18
C LEU A 241 21.70 -12.46 3.28
N ASP A 242 21.15 -13.62 3.05
CA ASP A 242 21.74 -14.58 2.10
C ASP A 242 21.83 -13.98 0.72
N SER A 243 20.84 -13.19 0.31
N SER A 243 20.80 -13.26 0.30
N SER A 243 20.84 -13.19 0.31
N SER A 243 20.79 -13.26 0.30
CA SER A 243 20.75 -12.51 -1.00
CA SER A 243 20.77 -12.47 -0.96
CA SER A 243 20.74 -12.50 -0.99
CA SER A 243 20.74 -12.50 -0.97
C SER A 243 20.12 -11.16 -0.69
C SER A 243 20.12 -11.13 -0.66
C SER A 243 20.13 -11.15 -0.69
C SER A 243 20.12 -11.14 -0.65
N PRO A 244 20.57 -10.03 -1.30
CA PRO A 244 20.08 -8.71 -0.92
C PRO A 244 18.73 -8.37 -1.57
N VAL A 245 17.72 -9.12 -1.16
CA VAL A 245 16.40 -9.08 -1.80
C VAL A 245 15.33 -9.17 -0.73
N PHE A 246 14.16 -8.69 -1.08
CA PHE A 246 12.94 -9.13 -0.38
C PHE A 246 11.87 -9.31 -1.43
N THR A 247 10.89 -10.12 -1.09
CA THR A 247 9.81 -10.45 -2.01
C THR A 247 8.47 -10.22 -1.35
N ALA A 248 7.57 -9.77 -2.19
CA ALA A 248 6.18 -9.52 -1.83
C ALA A 248 5.31 -10.46 -2.56
N ASP A 249 4.52 -11.21 -1.86
CA ASP A 249 3.57 -12.19 -2.39
C ASP A 249 2.23 -11.95 -1.73
N LEU A 250 1.53 -10.94 -2.18
CA LEU A 250 0.28 -10.52 -1.54
C LEU A 250 -0.82 -11.43 -2.01
N GLY A 251 -1.74 -11.75 -1.12
CA GLY A 251 -2.90 -12.54 -1.46
C GLY A 251 -4.08 -11.73 -1.92
N TYR A 252 -4.96 -12.33 -2.69
CA TYR A 252 -6.28 -11.80 -3.03
C TYR A 252 -7.23 -12.37 -2.04
N HIS A 253 -7.78 -11.49 -1.21
N HIS A 253 -7.81 -11.49 -1.22
N HIS A 253 -7.76 -11.49 -1.19
N HIS A 253 -7.74 -11.49 -1.18
CA HIS A 253 -8.77 -11.85 -0.15
CA HIS A 253 -8.77 -11.85 -0.15
CA HIS A 253 -8.76 -11.82 -0.16
CA HIS A 253 -8.77 -11.83 -0.17
C HIS A 253 -8.18 -13.06 0.58
C HIS A 253 -8.17 -13.07 0.57
C HIS A 253 -8.21 -12.96 0.69
C HIS A 253 -8.22 -12.94 0.73
N ALA A 254 -6.90 -12.97 0.94
CA ALA A 254 -6.21 -14.08 1.61
C ALA A 254 -4.86 -13.58 2.06
N PRO A 255 -4.26 -14.22 3.06
CA PRO A 255 -2.92 -13.87 3.49
C PRO A 255 -1.92 -14.17 2.40
N GLY A 256 -0.76 -13.56 2.54
CA GLY A 256 0.38 -13.72 1.65
C GLY A 256 1.62 -13.70 2.47
N THR A 257 2.75 -13.38 1.85
CA THR A 257 4.07 -13.52 2.48
C THR A 257 4.98 -12.40 2.07
N TYR A 258 5.80 -11.92 3.00
CA TYR A 258 7.00 -11.13 2.77
C TYR A 258 8.18 -11.96 3.16
N ASN A 259 9.09 -12.19 2.23
CA ASN A 259 10.35 -12.89 2.55
C ASN A 259 11.50 -11.94 2.38
N PHE A 260 12.51 -12.13 3.18
CA PHE A 260 13.75 -11.36 3.13
C PHE A 260 14.92 -12.30 2.97
N GLY A 261 15.73 -12.02 1.98
CA GLY A 261 17.02 -12.70 1.81
C GLY A 261 16.98 -13.93 0.97
N PHE A 262 15.84 -14.31 0.39
CA PHE A 262 15.79 -15.50 -0.45
C PHE A 262 14.55 -15.37 -1.33
N ILE A 263 14.58 -16.10 -2.44
N ILE A 263 14.66 -15.99 -2.51
N ILE A 263 14.58 -16.10 -2.44
N ILE A 263 14.66 -15.99 -2.51
CA ILE A 263 13.48 -16.13 -3.42
CA ILE A 263 13.52 -16.30 -3.42
CA ILE A 263 13.47 -16.14 -3.42
CA ILE A 263 13.52 -16.29 -3.43
C ILE A 263 12.89 -17.54 -3.34
C ILE A 263 12.94 -17.66 -3.09
C ILE A 263 12.88 -17.55 -3.35
C ILE A 263 12.94 -17.66 -3.09
N ASP A 264 11.64 -17.71 -2.87
CA ASP A 264 10.95 -18.99 -2.71
C ASP A 264 10.51 -19.41 -4.09
N THR A 265 11.27 -20.35 -4.68
CA THR A 265 11.00 -20.77 -6.07
C THR A 265 9.72 -21.59 -6.10
N THR A 266 9.11 -21.97 -5.01
CA THR A 266 7.81 -22.68 -4.98
C THR A 266 6.63 -21.69 -5.03
N ALA A 267 6.89 -20.39 -4.88
CA ALA A 267 5.81 -19.41 -4.66
C ALA A 267 5.32 -18.82 -5.97
N TYR A 268 5.89 -19.17 -7.11
CA TYR A 268 5.47 -18.62 -8.39
C TYR A 268 5.54 -19.67 -9.45
N THR A 269 4.92 -19.37 -10.58
CA THR A 269 4.90 -20.22 -11.76
C THR A 269 5.80 -19.61 -12.82
N GLY A 270 6.32 -20.42 -13.72
CA GLY A 270 7.13 -19.91 -14.82
C GLY A 270 8.40 -19.26 -14.31
N SER A 271 8.84 -18.22 -14.99
N SER A 271 8.81 -18.21 -14.99
N SER A 271 8.84 -18.22 -14.99
N SER A 271 8.81 -18.21 -14.99
CA SER A 271 10.11 -17.52 -14.67
CA SER A 271 10.06 -17.47 -14.76
CA SER A 271 10.09 -17.54 -14.66
CA SER A 271 10.06 -17.47 -14.76
C SER A 271 9.80 -16.11 -14.17
C SER A 271 9.76 -16.12 -14.09
C SER A 271 9.81 -16.12 -14.15
C SER A 271 9.76 -16.14 -14.09
N ILE A 272 10.79 -15.56 -13.48
CA ILE A 272 10.71 -14.19 -12.98
C ILE A 272 11.32 -13.32 -14.07
N THR A 273 10.59 -12.30 -14.47
CA THR A 273 11.13 -11.32 -15.43
C THR A 273 11.61 -10.09 -14.71
N TYR A 274 12.87 -9.79 -14.77
CA TYR A 274 13.45 -8.64 -14.12
C TYR A 274 13.47 -7.42 -15.00
N THR A 275 13.31 -6.29 -14.42
CA THR A 275 13.21 -5.00 -15.12
C THR A 275 13.98 -3.96 -14.35
N ALA A 276 14.52 -2.99 -15.04
CA ALA A 276 15.36 -1.95 -14.45
C ALA A 276 14.59 -1.07 -13.49
N VAL A 277 15.28 -0.61 -12.49
CA VAL A 277 14.74 0.33 -11.49
C VAL A 277 15.52 1.62 -11.55
N SER A 278 14.86 2.73 -11.46
CA SER A 278 15.46 4.03 -11.18
C SER A 278 15.26 4.34 -9.71
N THR A 279 16.32 4.69 -9.01
CA THR A 279 16.19 5.12 -7.60
C THR A 279 16.24 6.64 -7.49
N LYS A 280 16.15 7.34 -8.60
CA LYS A 280 16.34 8.81 -8.57
C LYS A 280 15.33 9.50 -7.66
N GLN A 281 14.10 9.03 -7.55
CA GLN A 281 13.07 9.61 -6.69
C GLN A 281 12.95 8.84 -5.37
N GLY A 282 13.80 7.85 -5.14
CA GLY A 282 13.78 7.08 -3.89
C GLY A 282 12.80 5.93 -3.89
N PHE A 283 12.13 5.69 -4.99
CA PHE A 283 11.11 4.63 -5.07
C PHE A 283 11.63 3.49 -5.88
N TRP A 284 10.91 2.37 -5.84
CA TRP A 284 11.12 1.22 -6.73
C TRP A 284 10.41 1.56 -8.05
N GLU A 285 11.04 2.45 -8.82
CA GLU A 285 10.43 3.02 -10.03
C GLU A 285 10.92 2.24 -11.22
N TRP A 286 9.99 1.87 -12.08
CA TRP A 286 10.25 0.99 -13.21
C TRP A 286 9.34 1.39 -14.36
N THR A 287 9.50 0.76 -15.49
CA THR A 287 8.71 1.11 -16.69
C THR A 287 8.02 -0.13 -17.18
N SER A 288 6.72 -0.15 -17.11
CA SER A 288 5.93 -1.21 -17.72
C SER A 288 5.92 -1.03 -19.23
N THR A 289 5.83 -2.13 -19.93
CA THR A 289 5.86 -2.16 -21.39
C THR A 289 4.50 -2.07 -22.02
N GLY A 290 3.41 -1.99 -21.27
CA GLY A 290 2.11 -1.72 -21.89
C GLY A 290 1.02 -2.45 -21.18
N TYR A 291 -0.16 -2.49 -21.79
CA TYR A 291 -1.32 -3.01 -21.08
C TYR A 291 -2.29 -3.58 -22.06
N ALA A 292 -3.18 -4.40 -21.56
CA ALA A 292 -4.37 -4.83 -22.31
C ALA A 292 -5.55 -4.78 -21.37
N VAL A 293 -6.73 -4.62 -21.93
CA VAL A 293 -8.01 -4.62 -21.18
C VAL A 293 -8.74 -5.90 -21.53
N GLY A 294 -9.09 -6.73 -20.61
CA GLY A 294 -9.77 -7.97 -20.90
C GLY A 294 -9.02 -8.78 -21.93
N SER A 295 -9.76 -9.27 -22.93
N SER A 295 -9.80 -9.24 -22.91
N SER A 295 -9.75 -9.28 -22.93
N SER A 295 -9.80 -9.24 -22.91
CA SER A 295 -9.20 -10.12 -24.01
CA SER A 295 -9.36 -10.09 -24.05
CA SER A 295 -9.17 -10.13 -24.00
CA SER A 295 -9.36 -10.09 -24.05
C SER A 295 -8.65 -9.25 -25.14
C SER A 295 -8.92 -9.21 -25.22
C SER A 295 -8.64 -9.25 -25.14
C SER A 295 -8.90 -9.21 -25.22
N GLY A 296 -8.66 -7.92 -24.98
CA GLY A 296 -8.22 -6.99 -26.02
C GLY A 296 -6.76 -7.10 -26.36
N THR A 297 -6.41 -6.45 -27.46
CA THR A 297 -5.02 -6.46 -27.94
C THR A 297 -4.13 -5.77 -26.90
N PHE A 298 -2.92 -6.19 -26.82
CA PHE A 298 -1.93 -5.55 -25.94
C PHE A 298 -1.43 -4.28 -26.59
N LYS A 299 -1.46 -3.16 -25.90
CA LYS A 299 -0.97 -1.87 -26.34
C LYS A 299 0.45 -1.69 -25.81
N SER A 300 1.44 -1.68 -26.69
CA SER A 300 2.83 -1.47 -26.34
C SER A 300 3.04 0.00 -26.08
N THR A 301 3.35 0.37 -24.86
CA THR A 301 3.52 1.77 -24.49
C THR A 301 4.25 1.79 -23.15
N SER A 302 5.20 2.65 -23.00
CA SER A 302 6.00 2.76 -21.76
C SER A 302 5.18 3.44 -20.70
N ILE A 303 5.03 2.83 -19.52
CA ILE A 303 4.35 3.47 -18.38
C ILE A 303 5.29 3.42 -17.21
N ASP A 304 5.89 4.56 -16.91
N ASP A 304 5.83 4.58 -16.85
N ASP A 304 5.88 4.56 -16.91
N ASP A 304 5.84 4.58 -16.85
CA ASP A 304 6.73 4.71 -15.71
CA ASP A 304 6.77 4.69 -15.72
CA ASP A 304 6.72 4.71 -15.70
CA ASP A 304 6.77 4.67 -15.71
C ASP A 304 5.81 4.60 -14.49
C ASP A 304 5.99 4.82 -14.41
C ASP A 304 5.82 4.62 -14.48
C ASP A 304 5.97 4.80 -14.41
N GLY A 305 6.26 3.94 -13.44
CA GLY A 305 5.54 3.99 -12.19
C GLY A 305 6.31 3.33 -11.09
N ILE A 306 5.71 3.26 -9.94
CA ILE A 306 6.40 2.69 -8.77
C ILE A 306 5.69 1.44 -8.34
N ALA A 307 6.45 0.52 -7.78
CA ALA A 307 5.89 -0.67 -7.13
C ALA A 307 5.68 -0.33 -5.66
N ASP A 308 4.43 -0.20 -5.23
CA ASP A 308 4.11 0.40 -3.91
C ASP A 308 3.11 -0.44 -3.13
N THR A 309 3.62 -1.26 -2.22
N THR A 309 3.62 -1.26 -2.22
N THR A 309 3.63 -1.26 -2.23
N THR A 309 3.63 -1.26 -2.24
CA THR A 309 2.74 -2.19 -1.46
CA THR A 309 2.74 -2.19 -1.46
CA THR A 309 2.76 -2.12 -1.41
CA THR A 309 2.76 -2.13 -1.40
C THR A 309 1.84 -1.47 -0.47
C THR A 309 1.84 -1.47 -0.47
C THR A 309 1.93 -1.26 -0.46
C THR A 309 1.92 -1.27 -0.46
N GLY A 310 2.11 -0.22 -0.16
N GLY A 310 2.11 -0.22 -0.16
N GLY A 310 2.34 -0.03 -0.23
N GLY A 310 2.34 -0.03 -0.21
CA GLY A 310 1.32 0.55 0.82
CA GLY A 310 1.32 0.55 0.83
CA GLY A 310 1.63 0.90 0.67
CA GLY A 310 1.63 0.90 0.67
C GLY A 310 0.29 1.42 0.13
C GLY A 310 0.29 1.42 0.13
C GLY A 310 0.33 1.38 0.08
C GLY A 310 0.34 1.39 0.08
N THR A 311 0.05 1.21 -1.15
N THR A 311 0.05 1.21 -1.15
N THR A 311 0.27 1.41 -1.24
N THR A 311 0.28 1.44 -1.25
CA THR A 311 -1.08 1.86 -1.86
CA THR A 311 -1.08 1.86 -1.86
CA THR A 311 -0.90 1.92 -1.98
CA THR A 311 -0.88 1.94 -2.00
C THR A 311 -2.07 0.76 -2.21
C THR A 311 -2.07 0.76 -2.21
C THR A 311 -1.82 0.77 -2.32
C THR A 311 -1.81 0.77 -2.33
N THR A 312 -3.35 0.96 -1.90
N THR A 312 -3.35 0.96 -1.90
N THR A 312 -3.10 0.93 -2.05
N THR A 312 -3.10 0.93 -2.05
CA THR A 312 -4.37 -0.06 -2.18
CA THR A 312 -4.37 -0.06 -2.18
CA THR A 312 -4.07 -0.17 -2.19
CA THR A 312 -4.06 -0.19 -2.18
C THR A 312 -4.46 -0.31 -3.70
C THR A 312 -4.46 -0.31 -3.70
C THR A 312 -4.43 -0.43 -3.66
C THR A 312 -4.44 -0.45 -3.65
N LEU A 313 -4.69 0.75 -4.45
N LEU A 313 -4.69 0.75 -4.45
N LEU A 313 -4.54 0.62 -4.46
N LEU A 313 -4.54 0.61 -4.46
CA LEU A 313 -5.18 0.64 -5.83
CA LEU A 313 -5.18 0.64 -5.83
CA LEU A 313 -5.12 0.56 -5.81
CA LEU A 313 -5.13 0.55 -5.81
C LEU A 313 -4.07 0.80 -6.88
C LEU A 313 -4.07 0.80 -6.88
C LEU A 313 -4.04 0.69 -6.88
C LEU A 313 -4.04 0.69 -6.87
N LEU A 314 -4.46 0.60 -8.13
CA LEU A 314 -3.60 0.75 -9.31
C LEU A 314 -3.92 2.10 -9.92
N TYR A 315 -2.96 3.00 -9.92
CA TYR A 315 -3.14 4.36 -10.48
C TYR A 315 -2.34 4.46 -11.75
N LEU A 316 -3.01 4.73 -12.85
CA LEU A 316 -2.42 4.75 -14.20
C LEU A 316 -2.85 6.00 -14.95
N PRO A 317 -2.21 6.29 -16.07
CA PRO A 317 -2.63 7.49 -16.81
C PRO A 317 -4.08 7.46 -17.22
N ALA A 318 -4.68 8.61 -17.34
CA ALA A 318 -6.09 8.73 -17.62
C ALA A 318 -6.48 8.06 -18.90
N THR A 319 -5.63 8.01 -19.88
CA THR A 319 -5.91 7.33 -21.15
C THR A 319 -6.13 5.85 -20.93
N VAL A 320 -5.26 5.25 -20.09
CA VAL A 320 -5.33 3.79 -19.85
C VAL A 320 -6.56 3.51 -19.06
N VAL A 321 -6.80 4.31 -18.04
CA VAL A 321 -7.92 4.06 -17.10
C VAL A 321 -9.24 4.23 -17.83
N SER A 322 -9.35 5.23 -18.70
CA SER A 322 -10.57 5.42 -19.49
C SER A 322 -10.79 4.21 -20.39
N ALA A 323 -9.73 3.74 -21.03
CA ALA A 323 -9.83 2.55 -21.88
C ALA A 323 -10.34 1.34 -21.10
N TYR A 324 -9.94 1.20 -19.85
CA TYR A 324 -10.41 0.07 -19.01
C TYR A 324 -11.87 0.25 -18.72
N TRP A 325 -12.28 1.36 -18.14
CA TRP A 325 -13.64 1.52 -17.63
C TRP A 325 -14.63 1.68 -18.77
N ALA A 326 -14.18 1.97 -19.97
CA ALA A 326 -15.09 2.03 -21.14
C ALA A 326 -15.63 0.64 -21.42
N GLN A 327 -15.00 -0.42 -20.93
CA GLN A 327 -15.42 -1.82 -21.15
C GLN A 327 -16.40 -2.24 -20.08
N VAL A 328 -16.85 -1.39 -19.19
CA VAL A 328 -17.78 -1.74 -18.10
C VAL A 328 -19.01 -0.86 -18.26
N SER A 329 -20.15 -1.48 -18.60
N SER A 329 -20.14 -1.46 -18.63
N SER A 329 -20.14 -1.47 -18.60
N SER A 329 -20.15 -1.46 -18.63
CA SER A 329 -21.44 -0.79 -18.78
CA SER A 329 -21.39 -0.70 -18.86
CA SER A 329 -21.42 -0.73 -18.81
CA SER A 329 -21.40 -0.71 -18.85
C SER A 329 -21.77 0.02 -17.53
C SER A 329 -21.76 0.03 -17.57
C SER A 329 -21.77 0.03 -17.54
C SER A 329 -21.76 0.03 -17.57
N GLY A 330 -21.97 1.33 -17.68
CA GLY A 330 -22.40 2.17 -16.59
C GLY A 330 -21.26 2.64 -15.71
N ALA A 331 -20.00 2.31 -16.00
CA ALA A 331 -18.89 2.86 -15.21
C ALA A 331 -18.70 4.33 -15.54
N LYS A 332 -18.30 5.11 -14.57
CA LYS A 332 -18.10 6.53 -14.79
C LYS A 332 -17.17 7.00 -13.72
N SER A 333 -16.55 8.14 -13.98
CA SER A 333 -15.77 8.87 -12.98
C SER A 333 -16.68 9.84 -12.26
N SER A 334 -16.72 9.71 -10.97
CA SER A 334 -17.59 10.52 -10.10
C SER A 334 -16.70 11.48 -9.29
N SER A 335 -16.88 12.78 -9.51
N SER A 335 -16.88 12.78 -9.51
N SER A 335 -16.88 12.78 -9.51
N SER A 335 -16.88 12.78 -9.51
CA SER A 335 -16.24 13.86 -8.72
CA SER A 335 -16.24 13.86 -8.72
CA SER A 335 -16.23 13.85 -8.71
CA SER A 335 -16.25 13.86 -8.73
C SER A 335 -16.65 13.72 -7.24
C SER A 335 -16.65 13.72 -7.25
C SER A 335 -16.65 13.71 -7.25
C SER A 335 -16.65 13.72 -7.25
N SER A 336 -17.91 13.39 -6.99
CA SER A 336 -18.48 13.27 -5.62
C SER A 336 -17.81 12.14 -4.83
N VAL A 337 -17.50 11.03 -5.50
N VAL A 337 -17.50 11.03 -5.50
N VAL A 337 -17.48 11.04 -5.52
N VAL A 337 -17.45 11.06 -5.53
CA VAL A 337 -17.05 9.79 -4.80
CA VAL A 337 -17.05 9.79 -4.80
CA VAL A 337 -16.75 9.88 -4.93
CA VAL A 337 -16.71 9.90 -4.95
C VAL A 337 -15.51 9.81 -4.68
C VAL A 337 -15.51 9.81 -4.68
C VAL A 337 -15.24 10.11 -5.05
C VAL A 337 -15.19 10.11 -5.08
N GLY A 338 -14.80 10.35 -5.66
N GLY A 338 -14.80 10.35 -5.66
N GLY A 338 -14.79 10.84 -6.07
N GLY A 338 -14.74 10.82 -6.10
CA GLY A 338 -13.33 10.39 -5.66
CA GLY A 338 -13.33 10.40 -5.67
CA GLY A 338 -13.35 10.99 -6.36
CA GLY A 338 -13.30 11.05 -6.37
C GLY A 338 -12.73 9.82 -6.94
C GLY A 338 -12.74 9.84 -6.96
C GLY A 338 -12.83 9.72 -7.00
C GLY A 338 -12.69 9.88 -7.10
N GLY A 339 -13.47 8.97 -7.66
N GLY A 339 -13.47 8.97 -7.66
N GLY A 339 -13.46 9.40 -8.13
N GLY A 339 -13.40 9.46 -8.16
CA GLY A 339 -12.90 8.19 -8.76
CA GLY A 339 -12.90 8.19 -8.76
CA GLY A 339 -12.88 8.54 -9.17
CA GLY A 339 -12.84 8.55 -9.18
C GLY A 339 -13.92 7.53 -9.66
C GLY A 339 -13.92 7.53 -9.66
C GLY A 339 -13.90 7.54 -9.59
C GLY A 339 -13.87 7.55 -9.58
N TYR A 340 -13.43 6.57 -10.41
N TYR A 340 -13.43 6.57 -10.41
N TYR A 340 -13.42 6.54 -10.29
N TYR A 340 -13.41 6.53 -10.29
CA TYR A 340 -14.29 5.67 -11.21
CA TYR A 340 -14.28 5.67 -11.20
CA TYR A 340 -14.29 5.60 -11.01
CA TYR A 340 -14.28 5.59 -11.01
C TYR A 340 -15.07 4.75 -10.30
C TYR A 340 -15.07 4.75 -10.30
C TYR A 340 -15.05 4.70 -10.05
C TYR A 340 -15.05 4.70 -10.05
N VAL A 341 -16.34 4.70 -10.62
N VAL A 341 -16.34 4.70 -10.62
N VAL A 341 -16.33 4.61 -10.35
N VAL A 341 -16.34 4.62 -10.34
CA VAL A 341 -17.33 3.82 -9.95
CA VAL A 341 -17.33 3.82 -9.95
CA VAL A 341 -17.27 3.64 -9.74
CA VAL A 341 -17.27 3.65 -9.73
C VAL A 341 -17.96 2.98 -11.04
C VAL A 341 -17.96 2.98 -11.04
C VAL A 341 -17.99 2.94 -10.87
C VAL A 341 -18.00 2.93 -10.86
N PHE A 342 -18.62 1.92 -10.64
N PHE A 342 -18.62 1.92 -10.64
N PHE A 342 -18.44 1.74 -10.58
N PHE A 342 -18.40 1.70 -10.60
CA PHE A 342 -19.23 1.03 -11.63
CA PHE A 342 -19.23 1.03 -11.63
CA PHE A 342 -19.09 0.85 -11.57
CA PHE A 342 -19.08 0.84 -11.58
C PHE A 342 -20.35 0.29 -10.94
C PHE A 342 -20.35 0.29 -10.94
C PHE A 342 -20.34 0.27 -10.93
C PHE A 342 -20.34 0.28 -10.93
N PRO A 343 -21.33 -0.18 -11.72
CA PRO A 343 -22.46 -0.86 -11.11
C PRO A 343 -22.03 -2.12 -10.44
N CYS A 344 -22.50 -2.33 -9.20
N CYS A 344 -22.50 -2.33 -9.20
N CYS A 344 -22.55 -2.33 -9.23
N CYS A 344 -22.55 -2.34 -9.22
CA CYS A 344 -22.13 -3.56 -8.47
CA CYS A 344 -22.14 -3.56 -8.48
CA CYS A 344 -22.26 -3.56 -8.45
CA CYS A 344 -22.25 -3.56 -8.44
C CYS A 344 -22.67 -4.79 -9.21
C CYS A 344 -22.67 -4.79 -9.21
C CYS A 344 -22.86 -4.82 -9.09
C CYS A 344 -22.86 -4.82 -9.08
N SER A 345 -23.63 -4.64 -10.14
CA SER A 345 -24.12 -5.78 -10.94
C SER A 345 -23.13 -6.16 -12.03
N ALA A 346 -22.04 -5.42 -12.27
CA ALA A 346 -21.12 -5.70 -13.39
C ALA A 346 -20.23 -6.87 -13.10
N THR A 347 -19.74 -7.46 -14.16
CA THR A 347 -18.58 -8.38 -14.16
C THR A 347 -17.42 -7.60 -14.75
N LEU A 348 -16.33 -7.46 -14.04
CA LEU A 348 -15.21 -6.62 -14.50
C LEU A 348 -14.28 -7.43 -15.38
N PRO A 349 -13.74 -6.81 -16.43
CA PRO A 349 -12.69 -7.45 -17.22
C PRO A 349 -11.34 -7.46 -16.48
N SER A 350 -10.49 -8.37 -16.90
CA SER A 350 -9.11 -8.35 -16.40
C SER A 350 -8.37 -7.13 -16.94
N PHE A 351 -7.21 -6.92 -16.37
CA PHE A 351 -6.26 -5.91 -16.81
C PHE A 351 -4.89 -6.54 -16.85
N THR A 352 -4.22 -6.44 -17.98
CA THR A 352 -2.87 -6.97 -18.14
C THR A 352 -1.85 -5.87 -18.16
N PHE A 353 -0.77 -6.01 -17.46
CA PHE A 353 0.36 -5.07 -17.61
C PHE A 353 1.61 -5.80 -18.03
N GLY A 354 2.44 -5.12 -18.81
CA GLY A 354 3.69 -5.71 -19.30
C GLY A 354 4.84 -5.48 -18.36
N VAL A 355 5.69 -6.50 -18.30
CA VAL A 355 6.99 -6.45 -17.62
C VAL A 355 7.95 -6.99 -18.65
N GLY A 356 8.71 -6.13 -19.27
CA GLY A 356 9.47 -6.53 -20.46
C GLY A 356 8.55 -7.26 -21.42
N SER A 357 8.96 -8.43 -21.91
N SER A 357 8.96 -8.44 -21.89
N SER A 357 8.96 -8.43 -21.91
N SER A 357 8.96 -8.44 -21.88
CA SER A 357 8.14 -9.25 -22.83
CA SER A 357 8.18 -9.30 -22.82
CA SER A 357 8.14 -9.26 -22.83
CA SER A 357 8.19 -9.29 -22.81
C SER A 357 7.13 -10.13 -22.08
C SER A 357 7.10 -10.10 -22.08
C SER A 357 7.13 -10.13 -22.08
C SER A 357 7.11 -10.10 -22.08
N ALA A 358 7.13 -10.10 -20.75
CA ALA A 358 6.17 -10.86 -19.95
C ALA A 358 4.89 -10.05 -19.68
N ARG A 359 3.92 -10.76 -19.20
CA ARG A 359 2.59 -10.15 -18.95
C ARG A 359 2.11 -10.62 -17.61
N ILE A 360 1.53 -9.72 -16.83
CA ILE A 360 0.89 -10.06 -15.54
C ILE A 360 -0.56 -9.74 -15.76
N VAL A 361 -1.41 -10.68 -15.48
CA VAL A 361 -2.87 -10.50 -15.62
C VAL A 361 -3.52 -10.31 -14.27
N ILE A 362 -4.18 -9.17 -14.10
CA ILE A 362 -4.99 -8.87 -12.91
C ILE A 362 -6.38 -9.34 -13.19
N PRO A 363 -6.92 -10.37 -12.54
CA PRO A 363 -8.28 -10.77 -12.79
C PRO A 363 -9.21 -9.63 -12.45
N GLY A 364 -10.38 -9.62 -13.14
CA GLY A 364 -11.37 -8.59 -12.87
C GLY A 364 -11.80 -8.47 -11.46
N ASP A 365 -11.93 -9.61 -10.78
N ASP A 365 -11.99 -9.56 -10.73
N ASP A 365 -11.93 -9.61 -10.78
N ASP A 365 -11.98 -9.57 -10.73
CA ASP A 365 -12.41 -9.61 -9.38
CA ASP A 365 -12.52 -9.34 -9.36
CA ASP A 365 -12.40 -9.59 -9.38
CA ASP A 365 -12.51 -9.38 -9.35
C ASP A 365 -11.49 -8.72 -8.52
C ASP A 365 -11.46 -8.73 -8.43
C ASP A 365 -11.48 -8.72 -8.52
C ASP A 365 -11.46 -8.75 -8.43
N TYR A 366 -10.21 -8.68 -8.84
CA TYR A 366 -9.21 -7.94 -8.04
C TYR A 366 -9.48 -6.44 -8.08
N ILE A 367 -10.24 -6.00 -9.08
N ILE A 367 -10.24 -6.00 -9.08
N ILE A 367 -10.26 -5.99 -9.06
N ILE A 367 -10.27 -6.00 -9.05
CA ILE A 367 -10.50 -4.57 -9.39
CA ILE A 367 -10.49 -4.57 -9.39
CA ILE A 367 -10.45 -4.55 -9.33
CA ILE A 367 -10.46 -4.54 -9.34
C ILE A 367 -11.76 -4.10 -8.66
C ILE A 367 -11.76 -4.10 -8.66
C ILE A 367 -11.77 -4.07 -8.71
C ILE A 367 -11.80 -4.08 -8.75
N ASP A 368 -12.50 -5.02 -8.05
N ASP A 368 -12.50 -5.02 -8.05
N ASP A 368 -12.43 -4.95 -7.94
N ASP A 368 -12.47 -4.95 -7.97
CA ASP A 368 -13.74 -4.69 -7.32
CA ASP A 368 -13.74 -4.69 -7.32
CA ASP A 368 -13.74 -4.63 -7.32
CA ASP A 368 -13.77 -4.62 -7.34
C ASP A 368 -13.43 -4.35 -5.86
C ASP A 368 -13.43 -4.35 -5.86
C ASP A 368 -13.53 -4.32 -5.84
C ASP A 368 -13.54 -4.30 -5.85
N PHE A 369 -13.77 -3.11 -5.48
N PHE A 369 -13.77 -3.11 -5.48
N PHE A 369 -13.64 -3.05 -5.48
N PHE A 369 -13.65 -3.03 -5.49
CA PHE A 369 -13.62 -2.69 -4.07
CA PHE A 369 -13.62 -2.69 -4.07
CA PHE A 369 -13.44 -2.60 -4.08
CA PHE A 369 -13.48 -2.56 -4.08
C PHE A 369 -14.97 -2.50 -3.40
C PHE A 369 -14.97 -2.50 -3.40
C PHE A 369 -14.77 -2.22 -3.44
C PHE A 369 -14.84 -2.17 -3.50
N GLY A 370 -16.04 -3.00 -4.01
N GLY A 370 -16.04 -3.00 -4.01
N GLY A 370 -15.87 -2.74 -3.96
N GLY A 370 -15.89 -2.82 -3.96
CA GLY A 370 -17.36 -3.12 -3.41
CA GLY A 370 -17.36 -3.12 -3.40
CA GLY A 370 -17.08 -2.88 -3.15
CA GLY A 370 -17.14 -2.92 -3.18
C GLY A 370 -18.04 -1.77 -3.25
C GLY A 370 -18.04 -1.77 -3.25
C GLY A 370 -17.89 -1.59 -3.14
C GLY A 370 -17.90 -1.61 -3.15
N PRO A 371 -19.22 -1.81 -2.61
N PRO A 371 -19.23 -1.80 -2.61
N PRO A 371 -19.05 -1.65 -2.48
N PRO A 371 -19.07 -1.65 -2.48
CA PRO A 371 -20.07 -0.63 -2.52
CA PRO A 371 -20.07 -0.63 -2.52
CA PRO A 371 -19.94 -0.50 -2.45
CA PRO A 371 -19.95 -0.49 -2.46
C PRO A 371 -19.38 0.57 -1.89
C PRO A 371 -19.38 0.57 -1.89
C PRO A 371 -19.29 0.80 -1.98
C PRO A 371 -19.29 0.80 -1.97
N ILE A 372 -19.63 1.73 -2.46
N ILE A 372 -19.63 1.73 -2.46
N ILE A 372 -19.69 1.89 -2.57
N ILE A 372 -19.67 1.91 -2.57
CA ILE A 372 -19.00 3.01 -2.00
CA ILE A 372 -19.00 3.01 -2.00
CA ILE A 372 -19.09 3.19 -2.16
CA ILE A 372 -19.08 3.21 -2.17
C ILE A 372 -19.46 3.34 -0.58
C ILE A 372 -19.46 3.34 -0.58
C ILE A 372 -19.59 3.60 -0.77
C ILE A 372 -19.59 3.60 -0.76
N SER A 373 -20.69 2.99 -0.29
CA SER A 373 -21.25 3.13 1.08
C SER A 373 -22.10 1.91 1.30
N THR A 374 -22.38 1.54 2.56
CA THR A 374 -23.09 0.32 2.84
C THR A 374 -24.42 0.37 2.09
N GLY A 375 -24.79 -0.67 1.42
CA GLY A 375 -26.03 -0.77 0.73
C GLY A 375 -26.08 -0.20 -0.66
N SER A 376 -25.03 0.55 -1.05
CA SER A 376 -25.06 1.20 -2.35
C SER A 376 -24.90 0.17 -3.45
N SER A 377 -25.50 0.43 -4.58
CA SER A 377 -25.26 -0.37 -5.79
C SER A 377 -24.19 0.21 -6.68
N SER A 378 -23.54 1.32 -6.28
N SER A 378 -23.55 1.31 -6.28
N SER A 378 -23.44 1.19 -6.19
N SER A 378 -23.46 1.22 -6.19
CA SER A 378 -22.35 1.85 -6.98
CA SER A 378 -22.35 1.84 -6.94
CA SER A 378 -22.25 1.70 -6.88
CA SER A 378 -22.28 1.82 -6.87
C SER A 378 -21.13 1.27 -6.25
C SER A 378 -21.14 1.26 -6.23
C SER A 378 -20.99 1.20 -6.18
C SER A 378 -21.01 1.28 -6.20
N CYS A 379 -20.22 0.67 -7.00
N CYS A 379 -20.23 0.67 -6.99
N CYS A 379 -20.14 0.53 -6.91
N CYS A 379 -20.17 0.60 -6.94
CA CYS A 379 -19.02 0.01 -6.47
CA CYS A 379 -19.02 0.01 -6.48
CA CYS A 379 -18.92 -0.10 -6.39
CA CYS A 379 -18.96 -0.08 -6.41
C CYS A 379 -17.81 0.84 -6.89
C CYS A 379 -17.81 0.84 -6.90
C CYS A 379 -17.66 0.66 -6.81
C CYS A 379 -17.69 0.65 -6.81
N PHE A 380 -16.77 0.80 -6.07
N PHE A 380 -16.77 0.80 -6.09
N PHE A 380 -16.70 0.63 -5.92
N PHE A 380 -16.73 0.62 -5.91
CA PHE A 380 -15.58 1.63 -6.32
CA PHE A 380 -15.58 1.63 -6.32
CA PHE A 380 -15.49 1.43 -6.09
CA PHE A 380 -15.50 1.42 -6.07
C PHE A 380 -14.57 0.81 -7.10
C PHE A 380 -14.57 0.81 -7.10
C PHE A 380 -14.47 0.68 -6.94
C PHE A 380 -14.47 0.66 -6.92
N GLY A 381 -13.98 1.42 -8.13
N GLY A 381 -13.98 1.42 -8.13
N GLY A 381 -14.01 1.33 -8.00
N GLY A 381 -14.01 1.32 -7.98
CA GLY A 381 -13.01 0.71 -8.97
CA GLY A 381 -13.01 0.71 -8.97
CA GLY A 381 -13.04 0.72 -8.92
CA GLY A 381 -13.05 0.74 -8.92
C GLY A 381 -11.64 0.62 -8.35
C GLY A 381 -11.64 0.62 -8.35
C GLY A 381 -11.65 0.61 -8.34
C GLY A 381 -11.64 0.63 -8.36
N GLY A 382 -10.93 -0.45 -8.71
N GLY A 382 -10.93 -0.45 -8.71
N GLY A 382 -10.95 -0.45 -8.72
N GLY A 382 -10.94 -0.44 -8.71
CA GLY A 382 -9.56 -0.65 -8.24
CA GLY A 382 -9.56 -0.65 -8.24
CA GLY A 382 -9.57 -0.66 -8.25
CA GLY A 382 -9.57 -0.69 -8.25
C GLY A 382 -8.49 -0.14 -9.17
C GLY A 382 -8.49 -0.14 -9.17
C GLY A 382 -8.50 -0.07 -9.15
C GLY A 382 -8.51 -0.08 -9.15
N ILE A 383 -8.90 0.38 -10.33
CA ILE A 383 -8.00 1.05 -11.27
C ILE A 383 -8.50 2.48 -11.33
N GLN A 384 -7.61 3.42 -11.05
N GLN A 384 -7.61 3.42 -11.05
N GLN A 384 -7.61 3.41 -11.05
N GLN A 384 -7.62 3.41 -11.03
CA GLN A 384 -7.95 4.85 -10.93
CA GLN A 384 -7.95 4.85 -10.93
CA GLN A 384 -7.94 4.84 -10.92
CA GLN A 384 -7.94 4.85 -10.91
C GLN A 384 -6.91 5.69 -11.65
C GLN A 384 -6.91 5.69 -11.65
C GLN A 384 -6.93 5.65 -11.70
C GLN A 384 -6.93 5.65 -11.70
N SER A 385 -7.29 6.89 -12.04
CA SER A 385 -6.36 7.78 -12.73
C SER A 385 -5.27 8.28 -11.79
N SER A 386 -4.06 8.33 -12.28
CA SER A 386 -2.92 8.99 -11.62
C SER A 386 -2.86 10.47 -11.88
N ALA A 387 -3.79 11.03 -12.65
N ALA A 387 -3.72 11.00 -12.73
N ALA A 387 -3.79 11.02 -12.66
N ALA A 387 -3.71 11.01 -12.72
CA ALA A 387 -3.79 12.47 -12.96
CA ALA A 387 -3.47 12.35 -13.28
CA ALA A 387 -3.79 12.46 -12.97
CA ALA A 387 -3.47 12.36 -13.27
C ALA A 387 -3.90 13.28 -11.67
C ALA A 387 -3.35 13.39 -12.18
C ALA A 387 -3.89 13.28 -11.68
C ALA A 387 -3.33 13.39 -12.14
N GLY A 388 -2.91 14.13 -11.42
N GLY A 388 -3.99 13.22 -11.01
N GLY A 388 -2.89 14.12 -11.44
N GLY A 388 -3.98 13.23 -10.98
CA GLY A 388 -2.87 15.01 -10.25
CA GLY A 388 -3.92 14.22 -9.92
CA GLY A 388 -2.85 15.01 -10.28
CA GLY A 388 -3.89 14.22 -9.88
C GLY A 388 -2.01 14.42 -9.15
C GLY A 388 -2.93 13.82 -8.84
C GLY A 388 -2.00 14.41 -9.18
C GLY A 388 -2.73 13.95 -8.93
N ILE A 389 -1.72 13.12 -9.23
N ILE A 389 -1.96 12.94 -9.17
N ILE A 389 -1.71 13.12 -9.25
N ILE A 389 -1.95 12.88 -9.18
CA ILE A 389 -0.86 12.47 -8.21
CA ILE A 389 -0.87 12.41 -8.26
CA ILE A 389 -0.86 12.45 -8.22
CA ILE A 389 -0.86 12.37 -8.27
C ILE A 389 0.59 12.63 -8.68
C ILE A 389 0.51 12.87 -8.69
C ILE A 389 0.59 12.63 -8.68
C ILE A 389 0.52 12.85 -8.69
N GLY A 390 0.82 12.80 -9.98
CA GLY A 390 2.15 13.11 -10.52
C GLY A 390 3.04 11.88 -10.67
N ILE A 391 2.51 10.67 -10.36
CA ILE A 391 3.23 9.39 -10.57
C ILE A 391 2.21 8.26 -10.73
N ASN A 392 2.56 7.33 -11.56
CA ASN A 392 1.77 6.09 -11.69
C ASN A 392 2.16 5.17 -10.55
N ILE A 393 1.19 4.47 -10.03
CA ILE A 393 1.45 3.63 -8.84
C ILE A 393 0.90 2.25 -9.07
N PHE A 394 1.79 1.27 -9.12
CA PHE A 394 1.43 -0.13 -9.15
C PHE A 394 1.27 -0.54 -7.70
N GLY A 395 0.08 -0.33 -7.16
CA GLY A 395 -0.28 -0.65 -5.78
C GLY A 395 -0.76 -2.08 -5.69
N ASP A 396 -1.36 -2.39 -4.56
N ASP A 396 -1.36 -2.39 -4.56
N ASP A 396 -1.35 -2.39 -4.55
N ASP A 396 -1.36 -2.39 -4.56
CA ASP A 396 -1.66 -3.78 -4.20
CA ASP A 396 -1.66 -3.78 -4.20
CA ASP A 396 -1.64 -3.80 -4.22
CA ASP A 396 -1.67 -3.79 -4.20
C ASP A 396 -2.53 -4.48 -5.26
C ASP A 396 -2.53 -4.48 -5.26
C ASP A 396 -2.48 -4.47 -5.31
C ASP A 396 -2.49 -4.47 -5.31
N VAL A 397 -3.44 -3.77 -5.92
CA VAL A 397 -4.27 -4.39 -6.97
C VAL A 397 -3.38 -5.04 -8.02
N ALA A 398 -2.32 -4.37 -8.42
CA ALA A 398 -1.41 -4.96 -9.41
C ALA A 398 -0.46 -5.94 -8.75
N LEU A 399 0.13 -5.61 -7.62
CA LEU A 399 1.19 -6.44 -7.04
C LEU A 399 0.66 -7.77 -6.59
N LYS A 400 -0.57 -7.82 -6.12
N LYS A 400 -0.58 -7.84 -6.13
N LYS A 400 -0.58 -7.81 -6.12
N LYS A 400 -0.58 -7.83 -6.12
CA LYS A 400 -1.13 -9.08 -5.59
CA LYS A 400 -1.08 -9.12 -5.59
CA LYS A 400 -1.13 -9.08 -5.59
CA LYS A 400 -1.09 -9.12 -5.59
C LYS A 400 -1.32 -10.09 -6.72
C LYS A 400 -1.39 -10.10 -6.72
C LYS A 400 -1.32 -10.09 -6.72
C LYS A 400 -1.39 -10.10 -6.72
N ALA A 401 -1.35 -9.67 -7.98
CA ALA A 401 -1.41 -10.58 -9.11
C ALA A 401 -0.08 -11.21 -9.42
N ALA A 402 0.98 -10.87 -8.72
CA ALA A 402 2.32 -11.34 -9.08
C ALA A 402 3.07 -11.75 -7.83
N PHE A 403 4.15 -12.47 -8.05
CA PHE A 403 5.23 -12.67 -7.10
C PHE A 403 6.27 -11.62 -7.43
N VAL A 404 6.58 -10.72 -6.55
CA VAL A 404 7.38 -9.53 -6.84
C VAL A 404 8.69 -9.60 -6.08
N VAL A 405 9.78 -9.49 -6.76
CA VAL A 405 11.13 -9.44 -6.20
C VAL A 405 11.66 -8.03 -6.17
N PHE A 406 11.99 -7.55 -5.01
CA PHE A 406 12.64 -6.25 -4.83
C PHE A 406 14.11 -6.56 -4.61
N ASN A 407 14.86 -6.45 -5.69
CA ASN A 407 16.30 -6.80 -5.68
C ASN A 407 17.09 -5.55 -5.33
N GLY A 408 17.67 -5.56 -4.14
CA GLY A 408 18.46 -4.44 -3.63
C GLY A 408 19.95 -4.63 -3.80
N ALA A 409 20.35 -5.33 -4.82
CA ALA A 409 21.76 -5.40 -5.28
C ALA A 409 22.23 -3.98 -5.60
N THR A 410 23.55 -3.84 -5.80
CA THR A 410 24.18 -2.53 -6.06
C THR A 410 23.41 -1.80 -7.16
N THR A 411 23.07 -2.50 -8.23
CA THR A 411 22.12 -2.04 -9.28
C THR A 411 20.76 -2.67 -8.99
N PRO A 412 19.85 -1.95 -8.33
CA PRO A 412 18.57 -2.59 -8.01
C PRO A 412 17.74 -2.91 -9.23
N THR A 413 16.95 -3.97 -9.12
CA THR A 413 15.99 -4.35 -10.15
C THR A 413 14.71 -4.83 -9.50
N LEU A 414 13.62 -4.84 -10.25
N LEU A 414 13.72 -5.08 -10.33
N LEU A 414 13.62 -4.84 -10.25
N LEU A 414 13.72 -5.08 -10.33
CA LEU A 414 12.38 -5.52 -9.83
CA LEU A 414 12.39 -5.51 -9.88
CA LEU A 414 12.38 -5.52 -9.83
CA LEU A 414 12.39 -5.51 -9.88
C LEU A 414 12.21 -6.78 -10.65
C LEU A 414 11.95 -6.70 -10.71
C LEU A 414 12.21 -6.78 -10.65
C LEU A 414 11.95 -6.70 -10.71
N GLY A 415 11.64 -7.82 -10.07
CA GLY A 415 11.24 -9.03 -10.74
C GLY A 415 9.76 -9.29 -10.60
N PHE A 416 9.10 -9.72 -11.62
CA PHE A 416 7.70 -10.12 -11.54
C PHE A 416 7.55 -11.50 -12.07
N ALA A 417 6.79 -12.35 -11.45
CA ALA A 417 6.38 -13.65 -11.94
C ALA A 417 4.88 -13.79 -11.73
N SER A 418 4.24 -14.56 -12.58
N SER A 418 4.25 -14.58 -12.57
CA SER A 418 2.86 -15.00 -12.32
CA SER A 418 2.89 -15.08 -12.33
C SER A 418 2.89 -16.05 -11.20
C SER A 418 2.90 -16.05 -11.16
N LYS A 419 1.72 -16.32 -10.63
CA LYS A 419 1.64 -17.26 -9.51
C LYS A 419 0.27 -17.93 -9.48
C4 RE4 B . -1.04 6.00 3.59
C4 RE4 B . -1.04 6.00 3.59
C5 RE4 B . -3.81 6.05 6.59
C5 RE4 B . -3.81 6.05 6.59
C6 RE4 B . -5.10 5.77 5.87
C6 RE4 B . -5.10 5.77 5.87
N1 RE4 B . -0.15 5.00 3.36
N1 RE4 B . -0.14 5.00 3.36
C7 RE4 B . -5.34 6.21 4.58
C7 RE4 B . -5.34 6.21 4.58
C8 RE4 B . -6.53 5.90 3.95
C8 RE4 B . -6.53 5.90 3.95
N2 RE4 B . -1.02 7.05 2.76
N2 RE4 B . -1.02 7.05 2.76
C9 RE4 B . -7.47 5.18 4.65
C9 RE4 B . -7.47 5.18 4.65
C10 RE4 B . -6.10 5.04 6.47
C10 RE4 B . -6.11 5.04 6.47
N3 RE4 B . -2.88 4.96 6.39
N3 RE4 B . -2.87 4.95 6.40
N4 RE4 B . -7.28 4.76 5.91
N4 RE4 B . -7.28 4.75 5.90
C1 RE4 B . -0.18 3.95 4.19
C1 RE4 B . -0.18 3.95 4.19
C RE4 B . 0.85 2.88 3.93
C RE4 B . 0.85 2.88 3.93
N RE4 B . -1.96 6.02 4.58
N RE4 B . -1.96 6.02 4.58
C3 RE4 B . -1.97 4.96 5.39
C3 RE4 B . -1.96 4.95 5.39
C2 RE4 B . -1.09 3.88 5.23
C2 RE4 B . -1.09 3.88 5.23
C4 RE4 C . -7.69 1.56 4.98
C4 RE4 C . -7.69 1.56 4.98
C5 RE4 C . -8.94 1.95 1.08
C5 RE4 C . -8.94 1.95 1.08
C6 RE4 C . -9.71 3.23 1.33
C6 RE4 C . -9.72 3.23 1.32
N1 RE4 C . -6.39 1.60 5.38
N1 RE4 C . -6.39 1.60 5.38
C7 RE4 C . -9.13 4.48 1.26
C7 RE4 C . -9.13 4.48 1.26
C8 RE4 C . -9.90 5.61 1.39
C8 RE4 C . -9.90 5.61 1.39
N2 RE4 C . -8.59 1.35 5.94
N2 RE4 C . -8.59 1.36 5.93
C9 RE4 C . -11.26 5.47 1.57
C9 RE4 C . -11.26 5.47 1.57
C10 RE4 C . -11.08 3.19 1.53
C10 RE4 C . -11.08 3.19 1.53
N3 RE4 C . -7.55 1.99 1.48
N3 RE4 C . -7.55 1.99 1.49
N4 RE4 C . -11.86 4.28 1.64
N4 RE4 C . -11.86 4.28 1.64
C1 RE4 C . -5.47 1.77 4.43
C1 RE4 C . -5.47 1.77 4.43
C RE4 C . -4.04 1.85 4.89
C RE4 C . -4.04 1.85 4.89
N RE4 C . -8.14 1.70 3.71
N RE4 C . -8.14 1.70 3.71
C3 RE4 C . -7.17 1.87 2.79
C3 RE4 C . -7.16 1.86 2.78
C2 RE4 C . -5.82 1.90 3.10
C2 RE4 C . -5.82 1.90 3.10
C4 RE4 D . -20.01 -6.25 -5.87
C4 RE4 D . -20.02 -6.25 -5.85
C5 RE4 D . -23.32 -5.30 -3.49
C5 RE4 D . -23.32 -5.30 -3.51
C6 RE4 D . -24.30 -6.45 -3.38
C6 RE4 D . -24.30 -6.44 -3.39
N1 RE4 D . -18.79 -6.50 -5.35
N1 RE4 D . -18.79 -6.50 -5.35
C7 RE4 D . -24.15 -7.55 -4.18
C7 RE4 D . -24.15 -7.56 -4.18
C8 RE4 D . -25.02 -8.61 -4.05
C8 RE4 D . -25.03 -8.62 -4.05
N2 RE4 D . -20.13 -6.32 -7.20
N2 RE4 D . -20.14 -6.31 -7.19
C9 RE4 D . -26.04 -8.52 -3.13
C9 RE4 D . -26.04 -8.52 -3.13
C10 RE4 D . -25.37 -6.43 -2.51
C10 RE4 D . -25.37 -6.43 -2.51
N3 RE4 D . -22.02 -5.71 -2.98
N3 RE4 D . -22.02 -5.70 -2.99
N4 RE4 D . -26.24 -7.44 -2.37
N4 RE4 D . -26.24 -7.44 -2.37
C1 RE4 D . -18.67 -6.48 -4.00
C1 RE4 D . -18.67 -6.49 -4.00
C RE4 D . -17.30 -6.74 -3.44
C RE4 D . -17.30 -6.74 -3.44
N RE4 D . -21.13 -5.99 -5.14
N RE4 D . -21.14 -5.98 -5.13
C3 RE4 D . -20.96 -6.00 -3.79
C3 RE4 D . -20.96 -5.99 -3.78
C2 RE4 D . -19.75 -6.26 -3.19
C2 RE4 D . -19.74 -6.26 -3.18
S DMS E . -4.23 4.14 0.42
O DMS E . -3.67 3.74 -0.93
C1 DMS E . -4.21 5.89 0.48
C2 DMS E . -2.93 3.81 1.53
C1 GOL F . -1.42 -15.27 -12.39
C1 GOL F . -1.55 -14.84 -11.25
C1 GOL F . -1.59 -15.16 -12.32
O1 GOL F . -0.63 -14.26 -11.75
O1 GOL F . -0.28 -14.35 -11.71
O1 GOL F . -0.63 -14.14 -11.99
C2 GOL F . -2.91 -15.09 -12.15
C2 GOL F . -2.70 -13.90 -11.58
C2 GOL F . -2.91 -14.97 -11.60
O2 GOL F . -3.34 -13.85 -12.69
O2 GOL F . -2.79 -13.76 -13.00
O2 GOL F . -3.17 -13.58 -11.40
C3 GOL F . -3.31 -15.20 -10.69
C3 GOL F . -4.03 -14.36 -11.00
C3 GOL F . -3.02 -15.70 -10.27
O3 GOL F . -2.50 -14.36 -9.87
O3 GOL F . -4.39 -15.63 -11.53
O3 GOL F . -2.41 -14.98 -9.21
C1 GOL G . 0.71 10.38 -16.08
C1 GOL G . -0.08 10.37 -15.69
O1 GOL G . 0.05 10.62 -17.33
O1 GOL G . -0.53 11.02 -16.88
C2 GOL G . 0.04 11.17 -14.98
C2 GOL G . 1.17 11.03 -15.16
O2 GOL G . -1.33 10.81 -14.96
O2 GOL G . 0.97 12.44 -15.04
C3 GOL G . 0.70 10.98 -13.63
C3 GOL G . 1.57 10.45 -13.82
O3 GOL G . 0.42 12.08 -12.77
O3 GOL G . 0.66 10.89 -12.80
C ACT H . -19.84 -6.27 -5.30
C ACT H . -19.84 -6.26 -5.28
O ACT H . -20.91 -6.27 -4.64
O ACT H . -20.91 -6.26 -4.63
OXT ACT H . -18.71 -6.21 -4.78
OXT ACT H . -18.71 -6.19 -4.77
CH3 ACT H . -19.91 -6.34 -6.82
CH3 ACT H . -19.91 -6.35 -6.81
O1 PG4 I . -8.65 5.52 -2.20
O1 PG4 I . -8.65 5.52 -2.20
C1 PG4 I . -8.35 4.34 -1.49
C1 PG4 I . -8.35 4.34 -1.49
C2 PG4 I . -8.88 3.11 -2.16
C2 PG4 I . -8.88 3.11 -2.16
O2 PG4 I . -9.33 2.17 -1.18
O2 PG4 I . -9.33 2.17 -1.18
C3 PG4 I . -10.42 1.39 -1.63
C3 PG4 I . -10.42 1.39 -1.63
C4 PG4 I . -11.70 2.17 -1.50
C4 PG4 I . -11.70 2.17 -1.50
O3 PG4 I . -12.78 1.27 -1.31
O3 PG4 I . -12.78 1.27 -1.31
C5 PG4 I . -13.91 1.86 -0.69
C5 PG4 I . -13.91 1.88 -0.69
C6 PG4 I . -14.60 2.76 -1.66
C6 PG4 I . -14.60 2.78 -1.66
O4 PG4 I . -15.40 3.71 -0.96
O4 PG4 I . -15.41 3.71 -0.96
C7 PG4 I . -15.83 4.79 -1.78
C7 PG4 I . -15.84 4.80 -1.78
C8 PG4 I . -15.07 6.03 -1.42
C8 PG4 I . -15.06 6.02 -1.41
O5 PG4 I . -13.71 5.95 -1.84
O5 PG4 I . -13.71 5.95 -1.84
#